data_7PKK
#
_entry.id   7PKK
#
_cell.length_a   35.550
_cell.length_b   66.960
_cell.length_c   62.960
_cell.angle_alpha   90.00
_cell.angle_beta   90.55
_cell.angle_gamma   90.00
#
_symmetry.space_group_name_H-M   'P 1 21 1'
#
loop_
_entity.id
_entity.type
_entity.pdbx_description
1 polymer 'UDP-3-O-acyl-N-acetylglucosamine deacetylase'
2 non-polymer 'ZINC ION'
3 non-polymer (2R,4R)-1-cyclopropylcarbonyl-4-[[(2S,4S)-4-fluoranylpyrrolidin-2-yl]carbonylamino]-N-[[4-[2-[4-(morpholin-4-ylmethyl)phenyl]ethynyl]phenyl]methyl]pyrrolidine-2-carboxamide
4 water water
#
_entity_poly.entity_id   1
_entity_poly.type   'polypeptide(L)'
_entity_poly.pdbx_seq_one_letter_code
;HHHHHHENLYFQSMIKQRTLKNIIRATGVGLHSGEKVYLTLKPAPVDTGIVFSRTDLDPVVEIPARAENVGETTMSTTLV
KGDVKVDTVEHLLSAMAGLGIDNAYVELSASEVPIMDGSAGPFVFLIQSAGLQEQEAAKKFIRIKREVSVEEGDKRAVFV
PFDGFKVSFEIDFDHPVFRGRTQQASVDFSSTSFVKEVSRARTFGFMRDIEYLRSQNLALGGSVENAIVVDENRVLNEDG
LRYEDEFVKHKILDAIGDLYLLGNSLIGEFRGFKSGHALNNQLLRTLIADKDAWEVVTFEDARTAPISYMRP
;
_entity_poly.pdbx_strand_id   A
#
loop_
_chem_comp.id
_chem_comp.type
_chem_comp.name
_chem_comp.formula
7TF non-polymer (2R,4R)-1-cyclopropylcarbonyl-4-[[(2S,4S)-4-fluoranylpyrrolidin-2-yl]carbonylamino]-N-[[4-[2-[4-(morpholin-4-ylmethyl)phenyl]ethynyl]phenyl]methyl]pyrrolidine-2-carboxamide 'C34 H40 F N5 O4'
ZN non-polymer 'ZINC ION' 'Zn 2'
#
# COMPACT_ATOMS: atom_id res chain seq x y z
N MET A 14 -11.53 18.26 16.75
CA MET A 14 -11.84 17.42 15.55
C MET A 14 -10.64 16.56 15.16
N ILE A 15 -10.87 15.59 14.28
CA ILE A 15 -9.77 14.84 13.61
C ILE A 15 -9.23 15.73 12.51
N LYS A 16 -7.92 15.96 12.55
CA LYS A 16 -7.20 16.91 11.69
C LYS A 16 -6.27 16.12 10.75
N GLN A 17 -5.91 16.75 9.65
CA GLN A 17 -5.03 16.13 8.64
C GLN A 17 -3.63 16.04 9.24
N ARG A 18 -2.94 14.94 8.96
CA ARG A 18 -1.52 14.80 9.36
C ARG A 18 -0.70 14.96 8.07
N THR A 19 0.43 15.62 8.21
CA THR A 19 1.57 15.60 7.26
C THR A 19 2.79 15.16 8.05
N LEU A 20 3.93 15.03 7.38
CA LEU A 20 5.25 14.84 8.04
C LEU A 20 5.61 16.08 8.87
N LYS A 21 6.22 15.85 10.03
CA LYS A 21 6.89 16.89 10.83
C LYS A 21 8.16 17.31 10.06
N ASN A 22 8.97 16.33 9.66
CA ASN A 22 10.33 16.53 9.08
C ASN A 22 10.48 15.79 7.75
N ILE A 23 11.50 16.14 6.97
CA ILE A 23 11.83 15.43 5.70
C ILE A 23 12.58 14.14 6.07
N ILE A 24 12.46 13.09 5.23
CA ILE A 24 13.16 11.78 5.35
C ILE A 24 13.83 11.43 4.01
N ARG A 25 15.09 11.03 4.08
CA ARG A 25 15.87 10.47 2.96
C ARG A 25 16.03 8.97 3.25
N ALA A 26 15.65 8.12 2.31
CA ALA A 26 16.05 6.69 2.27
C ALA A 26 16.64 6.40 0.90
N THR A 27 17.42 5.34 0.84
CA THR A 27 18.09 4.81 -0.37
C THR A 27 17.68 3.34 -0.44
N GLY A 28 17.47 2.82 -1.65
CA GLY A 28 17.21 1.39 -1.86
C GLY A 28 17.37 1.02 -3.31
N VAL A 29 16.83 -0.14 -3.70
CA VAL A 29 16.73 -0.53 -5.14
CA VAL A 29 16.74 -0.63 -5.10
C VAL A 29 15.25 -0.74 -5.50
N GLY A 30 14.94 -0.57 -6.78
CA GLY A 30 13.65 -0.98 -7.38
C GLY A 30 13.71 -2.47 -7.68
N LEU A 31 12.69 -3.19 -7.24
CA LEU A 31 12.62 -4.65 -7.30
C LEU A 31 12.67 -5.08 -8.78
N HIS A 32 11.88 -4.40 -9.60
CA HIS A 32 11.74 -4.75 -11.04
C HIS A 32 12.93 -4.20 -11.80
N SER A 33 13.43 -3.03 -11.40
CA SER A 33 14.40 -2.26 -12.20
C SER A 33 15.83 -2.64 -11.83
N GLY A 34 16.08 -3.13 -10.60
CA GLY A 34 17.46 -3.27 -10.09
C GLY A 34 18.18 -1.91 -10.00
N GLU A 35 17.42 -0.81 -9.94
CA GLU A 35 17.96 0.57 -10.01
C GLU A 35 18.16 1.10 -8.59
N LYS A 36 19.35 1.64 -8.30
CA LYS A 36 19.65 2.43 -7.08
C LYS A 36 18.77 3.68 -7.12
N VAL A 37 17.99 3.92 -6.08
CA VAL A 37 16.99 5.02 -6.08
C VAL A 37 17.03 5.74 -4.73
N TYR A 38 17.08 7.07 -4.80
CA TYR A 38 17.16 8.00 -3.66
C TYR A 38 15.76 8.56 -3.43
N LEU A 39 15.24 8.35 -2.23
CA LEU A 39 13.84 8.68 -1.87
C LEU A 39 13.87 9.81 -0.84
N THR A 40 13.00 10.81 -1.03
CA THR A 40 12.82 11.95 -0.08
C THR A 40 11.33 12.19 0.20
N LEU A 41 10.93 12.19 1.47
CA LEU A 41 9.53 12.43 1.87
C LEU A 41 9.42 13.81 2.48
N LYS A 42 8.69 14.72 1.85
CA LYS A 42 8.57 16.12 2.33
C LYS A 42 7.16 16.31 2.87
N PRO A 43 6.99 17.04 3.98
CA PRO A 43 5.67 17.55 4.34
C PRO A 43 4.95 18.14 3.11
N ALA A 44 3.63 18.15 3.14
CA ALA A 44 2.78 18.75 2.10
C ALA A 44 1.67 19.58 2.75
N PRO A 45 1.24 20.69 2.11
CA PRO A 45 0.07 21.45 2.56
C PRO A 45 -1.22 20.62 2.72
N VAL A 46 -2.11 21.12 3.58
CA VAL A 46 -3.53 20.74 3.67
C VAL A 46 -4.09 20.53 2.26
N ASP A 47 -4.81 19.41 2.07
CA ASP A 47 -5.59 19.09 0.84
C ASP A 47 -4.64 18.84 -0.33
N THR A 48 -3.39 18.51 -0.06
CA THR A 48 -2.45 18.09 -1.12
C THR A 48 -2.66 16.61 -1.44
N GLY A 49 -3.01 15.79 -0.47
CA GLY A 49 -2.95 14.34 -0.63
C GLY A 49 -1.52 13.90 -0.85
N ILE A 50 -1.32 12.67 -1.31
CA ILE A 50 0.02 12.04 -1.57
C ILE A 50 0.39 12.24 -3.06
N VAL A 51 1.60 12.74 -3.32
CA VAL A 51 2.00 13.25 -4.66
C VAL A 51 3.41 12.77 -4.95
N PHE A 52 3.57 11.81 -5.86
CA PHE A 52 4.87 11.23 -6.28
C PHE A 52 5.55 12.11 -7.32
N SER A 53 6.87 12.10 -7.38
CA SER A 53 7.67 13.14 -8.07
C SER A 53 8.99 12.57 -8.59
N ARG A 54 9.23 12.70 -9.91
CA ARG A 54 10.46 12.20 -10.58
C ARG A 54 11.47 13.35 -10.73
N THR A 55 12.36 13.51 -9.74
CA THR A 55 13.36 14.61 -9.62
C THR A 55 14.48 14.40 -10.64
N ASP A 56 14.67 13.17 -11.13
CA ASP A 56 15.69 12.83 -12.14
C ASP A 56 15.31 13.40 -13.52
N LEU A 57 14.08 13.93 -13.69
CA LEU A 57 13.57 14.36 -15.02
C LEU A 57 13.50 15.88 -15.07
N ASP A 58 13.75 16.46 -16.25
CA ASP A 58 13.85 17.93 -16.47
C ASP A 58 12.90 18.37 -17.59
N PRO A 59 11.72 18.93 -17.26
CA PRO A 59 11.39 19.30 -15.89
C PRO A 59 10.93 18.07 -15.09
N VAL A 60 10.92 18.24 -13.78
CA VAL A 60 10.28 17.38 -12.75
C VAL A 60 8.84 17.02 -13.16
N VAL A 61 8.45 15.76 -12.96
CA VAL A 61 7.08 15.19 -13.26
C VAL A 61 6.43 14.69 -11.97
N GLU A 62 5.22 15.20 -11.71
CA GLU A 62 4.43 15.02 -10.46
C GLU A 62 3.11 14.32 -10.79
N ILE A 63 2.90 13.15 -10.19
CA ILE A 63 1.72 12.27 -10.40
C ILE A 63 1.06 12.10 -9.04
N PRO A 64 -0.06 12.80 -8.76
CA PRO A 64 -0.85 12.55 -7.57
C PRO A 64 -1.11 11.03 -7.52
N ALA A 65 -1.07 10.43 -6.34
CA ALA A 65 -1.46 9.01 -6.14
C ALA A 65 -2.99 8.93 -5.94
N ARG A 66 -3.74 9.37 -6.95
CA ARG A 66 -5.19 9.17 -7.13
C ARG A 66 -5.32 7.91 -8.02
N ALA A 67 -6.49 7.26 -8.01
CA ALA A 67 -6.73 5.98 -8.75
C ALA A 67 -6.68 6.24 -10.24
N GLU A 68 -7.21 7.40 -10.64
CA GLU A 68 -7.21 7.89 -12.04
C GLU A 68 -5.84 7.71 -12.68
N ASN A 69 -4.73 7.76 -11.93
CA ASN A 69 -3.33 7.75 -12.48
C ASN A 69 -2.72 6.35 -12.54
N VAL A 70 -3.48 5.25 -12.44
CA VAL A 70 -2.88 3.88 -12.32
C VAL A 70 -2.68 3.30 -13.73
N GLY A 71 -1.57 2.60 -14.00
CA GLY A 71 -1.21 2.03 -15.31
C GLY A 71 -1.18 0.50 -15.32
N GLU A 72 -0.10 -0.13 -15.80
CA GLU A 72 0.15 -1.62 -15.82
C GLU A 72 0.25 -2.13 -14.37
N THR A 73 -0.69 -3.00 -14.02
CA THR A 73 -1.03 -3.43 -12.63
C THR A 73 -0.56 -4.87 -12.45
N THR A 74 0.11 -5.38 -13.48
CA THR A 74 0.47 -6.80 -13.68
C THR A 74 1.37 -7.24 -12.52
N MET A 75 2.54 -6.61 -12.36
CA MET A 75 3.62 -7.08 -11.45
C MET A 75 3.70 -6.19 -10.21
N SER A 76 2.93 -5.09 -10.17
CA SER A 76 3.00 -4.03 -9.12
C SER A 76 2.01 -2.91 -9.42
N THR A 77 1.70 -2.07 -8.42
CA THR A 77 0.80 -0.90 -8.65
C THR A 77 1.67 0.22 -9.20
N THR A 78 1.25 0.84 -10.30
CA THR A 78 2.09 1.82 -11.02
C THR A 78 1.31 3.09 -11.33
N LEU A 79 1.90 4.25 -11.04
CA LEU A 79 1.35 5.57 -11.40
C LEU A 79 1.93 6.03 -12.75
N VAL A 80 1.09 6.59 -13.65
CA VAL A 80 1.49 7.12 -15.00
C VAL A 80 0.89 8.51 -15.23
N LYS A 81 1.68 9.37 -15.89
CA LYS A 81 1.27 10.64 -16.56
C LYS A 81 2.14 10.81 -17.79
N GLY A 82 1.55 10.84 -18.99
CA GLY A 82 2.32 10.79 -20.23
C GLY A 82 2.96 9.42 -20.36
N ASP A 83 4.25 9.34 -20.71
CA ASP A 83 5.00 8.05 -20.86
C ASP A 83 6.10 8.00 -19.78
N VAL A 84 5.86 8.69 -18.65
CA VAL A 84 6.62 8.70 -17.38
C VAL A 84 5.84 7.84 -16.38
N LYS A 85 6.48 6.84 -15.74
CA LYS A 85 5.80 5.99 -14.73
C LYS A 85 6.48 6.17 -13.37
N VAL A 86 5.77 5.82 -12.28
CA VAL A 86 6.37 5.47 -10.96
C VAL A 86 5.93 4.05 -10.58
N ASP A 87 6.83 3.10 -10.45
CA ASP A 87 6.45 1.70 -10.19
C ASP A 87 6.40 1.43 -8.69
N THR A 88 5.56 0.47 -8.28
CA THR A 88 5.62 -0.20 -6.96
C THR A 88 5.46 0.82 -5.84
N VAL A 89 4.30 1.47 -5.78
CA VAL A 89 3.98 2.50 -4.75
C VAL A 89 3.26 1.86 -3.54
N GLU A 90 2.71 0.66 -3.73
CA GLU A 90 1.80 -0.02 -2.78
C GLU A 90 2.41 -0.07 -1.37
N HIS A 91 3.69 -0.42 -1.20
CA HIS A 91 4.25 -0.65 0.15
C HIS A 91 4.36 0.68 0.86
N LEU A 92 4.71 1.71 0.11
CA LEU A 92 4.93 3.03 0.73
C LEU A 92 3.57 3.61 1.09
N LEU A 93 2.64 3.54 0.15
CA LEU A 93 1.28 4.07 0.36
C LEU A 93 0.65 3.28 1.51
N SER A 94 0.95 1.99 1.56
CA SER A 94 0.52 1.12 2.67
C SER A 94 0.89 1.82 3.97
N ALA A 95 2.21 2.04 4.14
CA ALA A 95 2.87 2.67 5.31
C ALA A 95 2.19 4.00 5.62
N MET A 96 1.97 4.86 4.62
CA MET A 96 1.41 6.22 4.81
C MET A 96 -0.03 6.13 5.31
N ALA A 97 -0.77 5.22 4.70
CA ALA A 97 -2.18 4.88 5.05
C ALA A 97 -2.18 4.40 6.51
N GLY A 98 -1.27 3.49 6.84
CA GLY A 98 -1.13 2.88 8.18
C GLY A 98 -1.07 3.93 9.27
N LEU A 99 -0.29 4.98 9.09
CA LEU A 99 -0.03 6.02 10.13
C LEU A 99 -0.98 7.21 9.94
N GLY A 100 -1.71 7.25 8.81
CA GLY A 100 -2.83 8.17 8.58
C GLY A 100 -2.31 9.48 8.04
N ILE A 101 -1.21 9.42 7.31
CA ILE A 101 -0.67 10.60 6.59
C ILE A 101 -1.58 11.01 5.45
N ASP A 102 -2.06 12.24 5.49
CA ASP A 102 -2.88 12.83 4.41
C ASP A 102 -1.97 13.40 3.32
N ASN A 103 -0.99 14.22 3.69
CA ASN A 103 -0.28 15.09 2.71
C ASN A 103 1.22 14.83 2.81
N ALA A 104 1.83 14.38 1.71
CA ALA A 104 3.31 14.27 1.54
C ALA A 104 3.67 14.38 0.06
N TYR A 105 4.85 14.90 -0.25
CA TYR A 105 5.48 14.76 -1.58
C TYR A 105 6.55 13.69 -1.43
N VAL A 106 6.67 12.84 -2.44
CA VAL A 106 7.57 11.65 -2.43
C VAL A 106 8.55 11.79 -3.59
N GLU A 107 9.75 12.30 -3.34
CA GLU A 107 10.74 12.58 -4.43
C GLU A 107 11.52 11.29 -4.72
N LEU A 108 11.90 11.05 -5.98
CA LEU A 108 12.66 9.84 -6.46
C LEU A 108 13.68 10.16 -7.57
N SER A 109 14.89 9.64 -7.49
CA SER A 109 15.87 9.71 -8.60
C SER A 109 15.68 8.62 -9.66
N ALA A 110 14.60 7.85 -9.65
CA ALA A 110 14.32 6.81 -10.68
C ALA A 110 12.85 6.41 -10.64
N SER A 111 12.45 5.57 -11.60
CA SER A 111 11.04 5.24 -11.93
C SER A 111 10.39 4.35 -10.86
N GLU A 112 11.18 3.57 -10.11
CA GLU A 112 10.67 2.53 -9.19
C GLU A 112 10.90 3.00 -7.77
N VAL A 113 9.96 2.77 -6.86
CA VAL A 113 10.09 3.04 -5.40
C VAL A 113 10.94 1.92 -4.80
N PRO A 114 11.93 2.26 -3.94
CA PRO A 114 12.86 1.25 -3.46
C PRO A 114 12.10 0.22 -2.61
N ILE A 115 12.57 -1.02 -2.67
CA ILE A 115 11.90 -2.16 -2.01
C ILE A 115 12.35 -2.26 -0.55
N MET A 116 13.56 -1.81 -0.21
CA MET A 116 14.04 -1.97 1.19
C MET A 116 14.08 -3.49 1.50
N ASP A 117 13.23 -4.00 2.41
CA ASP A 117 13.27 -5.42 2.90
C ASP A 117 12.11 -6.27 2.32
N GLY A 118 11.28 -5.70 1.45
CA GLY A 118 10.02 -6.33 0.98
C GLY A 118 8.76 -5.98 1.77
N SER A 119 8.82 -5.14 2.82
CA SER A 119 7.66 -4.78 3.69
C SER A 119 7.53 -3.26 3.83
N ALA A 120 6.53 -2.81 4.57
CA ALA A 120 6.27 -1.37 4.83
C ALA A 120 7.16 -0.89 5.99
N GLY A 121 7.84 -1.82 6.68
CA GLY A 121 8.36 -1.56 8.03
C GLY A 121 9.41 -0.46 8.01
N PRO A 122 10.42 -0.61 7.13
CA PRO A 122 11.44 0.42 7.00
C PRO A 122 10.73 1.78 6.76
N PHE A 123 9.67 1.83 5.97
CA PHE A 123 8.97 3.10 5.64
C PHE A 123 8.29 3.60 6.89
N VAL A 124 7.60 2.73 7.61
CA VAL A 124 6.89 3.18 8.84
C VAL A 124 7.95 3.74 9.82
N PHE A 125 9.00 2.99 10.06
CA PHE A 125 10.12 3.44 10.93
C PHE A 125 10.44 4.91 10.62
N LEU A 126 10.97 5.13 9.41
CA LEU A 126 11.46 6.45 8.96
C LEU A 126 10.33 7.48 9.20
N ILE A 127 9.10 7.16 8.83
CA ILE A 127 7.99 8.16 8.97
C ILE A 127 7.89 8.56 10.43
N GLN A 128 8.02 7.60 11.35
CA GLN A 128 7.67 7.87 12.76
C GLN A 128 8.88 8.47 13.50
N SER A 129 10.12 8.08 13.14
CA SER A 129 11.39 8.72 13.60
C SER A 129 11.32 10.23 13.38
N ALA A 130 10.93 10.63 12.17
CA ALA A 130 10.61 12.03 11.77
C ALA A 130 9.45 12.59 12.61
N GLY A 131 8.34 11.87 12.66
CA GLY A 131 7.16 12.29 13.41
C GLY A 131 6.19 12.96 12.46
N LEU A 132 4.98 13.22 12.95
CA LEU A 132 3.82 13.72 12.17
C LEU A 132 3.39 15.12 12.65
N GLN A 133 2.82 15.89 11.76
CA GLN A 133 2.29 17.23 12.08
C GLN A 133 0.79 17.23 11.79
N GLU A 134 -0.04 17.45 12.81
CA GLU A 134 -1.48 17.78 12.60
C GLU A 134 -1.56 19.15 11.94
N GLN A 135 -2.67 19.44 11.26
CA GLN A 135 -2.85 20.65 10.42
C GLN A 135 -4.28 21.14 10.60
N GLU A 136 -4.45 22.44 10.78
CA GLU A 136 -5.76 23.11 11.01
C GLU A 136 -6.70 22.86 9.83
N ALA A 137 -7.19 21.62 9.70
CA ALA A 137 -8.06 21.17 8.60
C ALA A 137 -8.60 19.75 8.89
N ALA A 138 -9.93 19.62 8.89
CA ALA A 138 -10.61 18.35 9.16
C ALA A 138 -10.10 17.30 8.15
N LYS A 139 -9.61 16.15 8.60
CA LYS A 139 -9.37 14.93 7.77
C LYS A 139 -10.70 14.56 7.11
N LYS A 140 -10.70 14.26 5.81
CA LYS A 140 -11.92 13.90 5.04
C LYS A 140 -11.93 12.38 4.87
N PHE A 141 -13.07 11.74 5.13
CA PHE A 141 -13.22 10.26 5.14
C PHE A 141 -14.26 9.85 4.10
N ILE A 142 -14.01 8.71 3.43
CA ILE A 142 -15.03 8.00 2.60
C ILE A 142 -15.65 6.90 3.47
N ARG A 143 -16.94 7.03 3.79
CA ARG A 143 -17.71 5.96 4.49
C ARG A 143 -18.39 5.06 3.46
N ILE A 144 -17.97 3.79 3.34
CA ILE A 144 -18.73 2.74 2.59
C ILE A 144 -20.13 2.66 3.18
N LYS A 145 -21.15 2.75 2.35
CA LYS A 145 -22.58 2.77 2.72
C LYS A 145 -23.28 1.53 2.14
N ARG A 146 -22.71 0.89 1.10
CA ARG A 146 -23.30 -0.30 0.44
C ARG A 146 -22.22 -1.33 0.13
N GLU A 147 -22.53 -2.61 0.26
CA GLU A 147 -21.81 -3.68 -0.46
C GLU A 147 -21.43 -3.10 -1.84
N VAL A 148 -20.16 -3.22 -2.22
CA VAL A 148 -19.68 -3.00 -3.61
C VAL A 148 -18.70 -4.13 -3.90
N SER A 149 -18.93 -4.85 -4.99
CA SER A 149 -18.24 -6.14 -5.23
C SER A 149 -17.78 -6.20 -6.67
N VAL A 150 -16.63 -6.79 -6.89
CA VAL A 150 -16.23 -7.15 -8.28
C VAL A 150 -15.76 -8.59 -8.22
N GLU A 151 -15.92 -9.30 -9.33
CA GLU A 151 -15.44 -10.68 -9.52
C GLU A 151 -14.76 -10.68 -10.87
N GLU A 152 -13.80 -11.56 -11.10
CA GLU A 152 -13.36 -11.98 -12.47
C GLU A 152 -12.84 -13.40 -12.33
N GLY A 153 -13.32 -14.34 -13.14
CA GLY A 153 -13.15 -15.77 -12.82
C GLY A 153 -13.39 -16.02 -11.35
N ASP A 154 -12.39 -16.53 -10.62
CA ASP A 154 -12.54 -17.05 -9.24
C ASP A 154 -12.03 -16.02 -8.22
N LYS A 155 -11.52 -14.88 -8.70
CA LYS A 155 -11.12 -13.73 -7.86
C LYS A 155 -12.37 -12.93 -7.49
N ARG A 156 -12.34 -12.28 -6.36
CA ARG A 156 -13.46 -11.44 -5.88
C ARG A 156 -12.82 -10.40 -4.97
N ALA A 157 -13.47 -9.24 -4.84
CA ALA A 157 -12.96 -8.08 -4.07
C ALA A 157 -14.13 -7.17 -3.72
N VAL A 158 -14.27 -6.87 -2.44
CA VAL A 158 -15.57 -6.40 -1.87
C VAL A 158 -15.25 -5.35 -0.84
N PHE A 159 -15.95 -4.21 -0.92
CA PHE A 159 -16.25 -3.30 0.21
C PHE A 159 -17.60 -3.70 0.80
N VAL A 160 -17.71 -3.55 2.10
CA VAL A 160 -18.89 -3.84 2.96
C VAL A 160 -18.90 -2.73 3.99
N PRO A 161 -20.02 -2.04 4.29
CA PRO A 161 -20.00 -0.95 5.25
C PRO A 161 -19.56 -1.54 6.58
N PHE A 162 -18.78 -0.78 7.33
CA PHE A 162 -18.20 -1.21 8.61
C PHE A 162 -17.77 0.05 9.36
N ASP A 163 -18.24 0.18 10.59
CA ASP A 163 -18.03 1.34 11.50
C ASP A 163 -16.63 1.16 12.07
N GLY A 164 -15.62 1.47 11.25
CA GLY A 164 -14.19 1.33 11.56
C GLY A 164 -13.38 1.12 10.29
N PHE A 165 -12.21 0.53 10.39
CA PHE A 165 -11.50 0.09 9.18
C PHE A 165 -10.91 -1.30 9.41
N LYS A 166 -11.23 -2.19 8.49
CA LYS A 166 -10.87 -3.62 8.64
C LYS A 166 -10.70 -4.21 7.24
N VAL A 167 -9.75 -5.13 7.10
CA VAL A 167 -9.32 -5.76 5.82
C VAL A 167 -9.32 -7.27 6.04
N SER A 168 -9.82 -8.04 5.09
CA SER A 168 -9.79 -9.51 5.13
C SER A 168 -9.29 -10.00 3.79
N PHE A 169 -8.55 -11.10 3.80
CA PHE A 169 -7.99 -11.71 2.59
C PHE A 169 -7.87 -13.23 2.79
N GLU A 170 -8.32 -13.97 1.77
CA GLU A 170 -7.97 -15.38 1.51
C GLU A 170 -7.03 -15.38 0.31
N ILE A 171 -6.18 -16.40 0.23
CA ILE A 171 -5.47 -16.79 -1.02
C ILE A 171 -5.56 -18.30 -1.12
N ASP A 172 -5.46 -18.87 -2.32
CA ASP A 172 -5.08 -20.30 -2.45
C ASP A 172 -3.93 -20.41 -3.45
N PHE A 173 -2.77 -20.80 -2.95
CA PHE A 173 -1.69 -21.38 -3.80
C PHE A 173 -1.75 -22.86 -3.53
N ASP A 174 -1.62 -23.71 -4.53
CA ASP A 174 -1.55 -25.18 -4.31
C ASP A 174 -0.09 -25.49 -4.04
N HIS A 175 0.33 -25.42 -2.77
CA HIS A 175 1.77 -25.38 -2.42
C HIS A 175 2.05 -26.04 -1.07
N PRO A 176 3.09 -26.91 -1.00
CA PRO A 176 3.51 -27.50 0.26
C PRO A 176 3.67 -26.50 1.43
N VAL A 177 3.98 -25.24 1.14
CA VAL A 177 4.27 -24.16 2.14
C VAL A 177 2.96 -23.50 2.64
N PHE A 178 1.82 -23.80 1.99
CA PHE A 178 0.56 -23.03 2.11
C PHE A 178 -0.58 -23.94 2.58
N ARG A 181 0.78 -24.12 6.15
CA ARG A 181 0.67 -22.74 6.72
C ARG A 181 -0.69 -22.13 6.31
N THR A 182 -1.01 -20.93 6.82
CA THR A 182 -2.35 -20.28 6.76
C THR A 182 -2.49 -19.42 5.51
N GLN A 183 -3.73 -19.30 5.00
CA GLN A 183 -4.10 -18.64 3.73
C GLN A 183 -5.36 -17.79 3.90
N GLN A 184 -5.71 -17.35 5.10
CA GLN A 184 -6.85 -16.45 5.39
C GLN A 184 -6.44 -15.62 6.60
N ALA A 185 -6.83 -14.34 6.66
CA ALA A 185 -6.55 -13.46 7.82
C ALA A 185 -7.54 -12.31 7.80
N SER A 186 -7.77 -11.66 8.95
CA SER A 186 -8.70 -10.50 9.10
C SER A 186 -8.21 -9.61 10.23
N VAL A 187 -8.17 -8.31 10.01
CA VAL A 187 -7.54 -7.43 11.01
C VAL A 187 -8.43 -6.23 11.20
N ASP A 188 -8.85 -5.91 12.41
CA ASP A 188 -9.53 -4.61 12.65
C ASP A 188 -8.49 -3.61 13.13
N PHE A 189 -8.25 -2.57 12.36
CA PHE A 189 -7.13 -1.66 12.69
C PHE A 189 -7.52 -0.66 13.79
N SER A 190 -8.79 -0.59 14.23
CA SER A 190 -9.20 0.21 15.42
C SER A 190 -8.98 -0.60 16.71
N SER A 191 -8.53 -1.84 16.63
CA SER A 191 -8.10 -2.65 17.80
C SER A 191 -6.89 -3.55 17.48
N THR A 192 -6.29 -3.47 16.29
CA THR A 192 -5.06 -4.25 15.95
C THR A 192 -4.03 -3.29 15.35
N SER A 193 -2.81 -3.27 15.91
CA SER A 193 -1.69 -2.42 15.44
C SER A 193 -1.27 -2.87 14.03
N PHE A 194 -1.62 -2.05 13.02
CA PHE A 194 -1.03 -2.14 11.67
C PHE A 194 0.47 -2.35 11.77
N VAL A 195 1.08 -1.55 12.63
CA VAL A 195 2.55 -1.46 12.74
C VAL A 195 3.05 -2.86 13.07
N LYS A 196 2.54 -3.42 14.17
CA LYS A 196 3.02 -4.69 14.82
C LYS A 196 2.65 -5.91 13.97
N GLU A 197 1.43 -5.95 13.43
CA GLU A 197 0.81 -7.19 12.89
C GLU A 197 0.95 -7.31 11.37
N VAL A 198 1.04 -6.19 10.64
CA VAL A 198 0.94 -6.17 9.14
C VAL A 198 2.23 -5.62 8.50
N SER A 199 2.83 -4.56 9.08
CA SER A 199 3.82 -3.69 8.40
C SER A 199 5.09 -4.47 8.02
N ARG A 200 5.41 -5.54 8.75
CA ARG A 200 6.70 -6.26 8.59
C ARG A 200 6.54 -7.38 7.54
N ALA A 201 5.31 -7.61 7.07
CA ALA A 201 4.98 -8.70 6.13
C ALA A 201 5.63 -8.46 4.78
N ARG A 202 6.53 -9.36 4.39
CA ARG A 202 7.37 -9.20 3.17
C ARG A 202 6.61 -9.74 1.94
N THR A 203 6.84 -9.10 0.79
CA THR A 203 6.58 -9.64 -0.55
C THR A 203 7.27 -11.00 -0.68
N PHE A 204 6.97 -11.72 -1.74
CA PHE A 204 7.42 -13.13 -1.95
C PHE A 204 7.38 -13.46 -3.44
N GLY A 205 8.34 -14.24 -3.91
CA GLY A 205 8.36 -14.76 -5.28
C GLY A 205 8.55 -16.26 -5.24
N PHE A 206 8.19 -16.95 -6.32
CA PHE A 206 8.45 -18.40 -6.43
C PHE A 206 9.72 -18.57 -7.24
N MET A 207 10.53 -19.57 -6.88
CA MET A 207 11.75 -19.99 -7.62
C MET A 207 11.47 -20.05 -9.13
N ARG A 208 10.34 -20.59 -9.56
CA ARG A 208 10.12 -20.85 -11.01
C ARG A 208 9.88 -19.51 -11.67
N ASP A 209 8.89 -18.75 -11.18
CA ASP A 209 8.56 -17.40 -11.69
C ASP A 209 9.85 -16.60 -11.97
N ILE A 210 10.73 -16.56 -10.97
CA ILE A 210 11.97 -15.72 -10.91
C ILE A 210 12.86 -15.99 -12.13
N GLU A 211 13.08 -17.28 -12.43
CA GLU A 211 13.90 -17.74 -13.57
C GLU A 211 13.32 -17.15 -14.86
N TYR A 212 12.01 -17.27 -15.09
CA TYR A 212 11.36 -16.66 -16.27
C TYR A 212 11.56 -15.12 -16.24
N LEU A 213 11.10 -14.45 -15.19
CA LEU A 213 11.03 -12.96 -15.07
C LEU A 213 12.42 -12.30 -15.24
N ARG A 214 13.52 -12.93 -14.82
CA ARG A 214 14.87 -12.31 -14.90
C ARG A 214 15.26 -12.16 -16.37
N SER A 215 14.85 -13.17 -17.15
CA SER A 215 14.96 -13.29 -18.63
C SER A 215 13.76 -12.63 -19.32
N GLN A 216 13.11 -11.66 -18.66
CA GLN A 216 12.19 -10.65 -19.26
C GLN A 216 12.49 -9.29 -18.61
N ASN A 217 13.69 -9.15 -18.02
CA ASN A 217 14.17 -7.93 -17.33
C ASN A 217 13.12 -7.44 -16.30
N LEU A 218 12.52 -8.37 -15.55
CA LEU A 218 11.76 -8.04 -14.33
C LEU A 218 12.48 -8.66 -13.12
N ALA A 219 12.16 -8.18 -11.90
CA ALA A 219 12.73 -8.62 -10.61
C ALA A 219 14.26 -8.47 -10.57
N LEU A 220 14.81 -7.38 -11.11
CA LEU A 220 16.28 -7.23 -11.33
C LEU A 220 16.98 -6.93 -10.00
N GLY A 221 16.28 -6.22 -9.10
CA GLY A 221 16.74 -5.88 -7.74
C GLY A 221 16.28 -6.89 -6.69
N GLY A 222 15.54 -7.92 -7.07
CA GLY A 222 15.10 -8.95 -6.12
C GLY A 222 16.27 -9.71 -5.49
N SER A 223 16.21 -9.88 -4.17
CA SER A 223 17.08 -10.77 -3.35
C SER A 223 16.34 -11.20 -2.08
N VAL A 224 16.88 -12.24 -1.44
CA VAL A 224 16.51 -12.68 -0.06
C VAL A 224 16.47 -11.47 0.86
N GLU A 225 17.24 -10.42 0.58
CA GLU A 225 17.38 -9.25 1.48
C GLU A 225 16.12 -8.37 1.41
N ASN A 226 15.18 -8.67 0.50
CA ASN A 226 13.94 -7.87 0.28
C ASN A 226 12.76 -8.72 -0.20
N ALA A 227 12.83 -10.05 -0.13
CA ALA A 227 11.76 -10.93 -0.62
C ALA A 227 11.79 -12.26 0.14
N ILE A 228 10.61 -12.83 0.37
CA ILE A 228 10.50 -14.26 0.74
C ILE A 228 10.68 -15.06 -0.56
N VAL A 229 11.73 -15.87 -0.65
CA VAL A 229 12.01 -16.81 -1.78
C VAL A 229 11.45 -18.20 -1.44
N VAL A 230 10.58 -18.74 -2.29
CA VAL A 230 9.90 -20.03 -2.04
C VAL A 230 10.36 -21.01 -3.13
N ASP A 231 10.88 -22.14 -2.71
CA ASP A 231 11.19 -23.30 -3.59
C ASP A 231 9.88 -23.98 -4.01
N GLU A 232 10.01 -25.15 -4.61
CA GLU A 232 8.96 -26.20 -4.73
C GLU A 232 8.30 -26.49 -3.36
N ASN A 233 9.12 -26.49 -2.29
CA ASN A 233 8.85 -27.11 -0.96
C ASN A 233 8.90 -26.10 0.19
N ARG A 234 9.94 -25.25 0.27
CA ARG A 234 10.31 -24.50 1.50
C ARG A 234 10.75 -23.06 1.20
N VAL A 235 10.39 -22.14 2.11
CA VAL A 235 11.07 -20.81 2.20
C VAL A 235 12.58 -21.06 2.18
N LEU A 236 13.30 -20.36 1.32
CA LEU A 236 14.77 -20.52 1.22
C LEU A 236 15.48 -19.47 2.09
N ASN A 237 14.79 -18.39 2.45
CA ASN A 237 15.30 -17.42 3.46
C ASN A 237 15.76 -18.22 4.70
N GLU A 238 17.07 -18.30 4.90
CA GLU A 238 17.75 -18.79 6.13
C GLU A 238 16.95 -18.47 7.40
N ASP A 239 16.52 -17.22 7.61
CA ASP A 239 15.93 -16.77 8.89
C ASP A 239 14.41 -16.95 8.85
N GLY A 240 13.91 -17.51 7.75
CA GLY A 240 12.50 -17.90 7.57
C GLY A 240 11.52 -16.72 7.58
N LEU A 241 10.31 -16.96 8.10
CA LEU A 241 9.16 -16.04 8.04
C LEU A 241 9.10 -15.16 9.29
N ARG A 242 8.70 -13.93 9.12
CA ARG A 242 8.32 -13.03 10.24
C ARG A 242 7.01 -13.46 10.93
N TYR A 243 6.09 -14.14 10.22
CA TYR A 243 4.73 -14.52 10.68
C TYR A 243 4.38 -15.96 10.23
N GLU A 244 3.45 -16.63 10.93
CA GLU A 244 2.87 -17.93 10.48
C GLU A 244 2.29 -17.71 9.09
N ASP A 245 1.57 -16.60 8.96
CA ASP A 245 0.73 -16.19 7.80
C ASP A 245 1.25 -14.92 7.10
N GLU A 246 2.57 -14.85 6.87
CA GLU A 246 3.28 -13.70 6.26
C GLU A 246 2.67 -13.42 4.88
N PHE A 247 2.57 -14.44 4.02
CA PHE A 247 2.12 -14.28 2.61
C PHE A 247 0.78 -13.53 2.57
N VAL A 248 -0.23 -14.03 3.27
CA VAL A 248 -1.58 -13.39 3.21
C VAL A 248 -1.53 -12.08 3.97
N LYS A 249 -0.62 -11.94 4.95
CA LYS A 249 -0.43 -10.69 5.75
C LYS A 249 0.16 -9.60 4.84
N HIS A 250 1.08 -9.99 3.96
CA HIS A 250 1.61 -9.12 2.87
C HIS A 250 0.50 -8.68 1.90
N LYS A 251 -0.42 -9.58 1.52
CA LYS A 251 -1.51 -9.30 0.58
C LYS A 251 -2.40 -8.18 1.12
N ILE A 252 -2.58 -8.16 2.44
CA ILE A 252 -3.41 -7.15 3.16
C ILE A 252 -2.69 -5.81 3.04
N LEU A 253 -1.41 -5.83 3.40
CA LEU A 253 -0.48 -4.69 3.27
C LEU A 253 -0.72 -4.08 1.88
N ASP A 254 -0.65 -4.88 0.84
CA ASP A 254 -0.71 -4.35 -0.55
C ASP A 254 -2.09 -3.74 -0.77
N ALA A 255 -3.13 -4.51 -0.48
CA ALA A 255 -4.55 -4.10 -0.54
C ALA A 255 -4.66 -2.69 0.04
N ILE A 256 -4.11 -2.48 1.24
CA ILE A 256 -4.31 -1.23 2.03
C ILE A 256 -3.72 -0.05 1.25
N GLY A 257 -2.54 -0.27 0.66
CA GLY A 257 -1.86 0.71 -0.20
C GLY A 257 -2.75 1.14 -1.34
N ASP A 258 -3.18 0.18 -2.16
CA ASP A 258 -4.12 0.38 -3.29
C ASP A 258 -5.27 1.24 -2.80
N LEU A 259 -5.80 0.97 -1.61
CA LEU A 259 -6.99 1.71 -1.16
C LEU A 259 -6.65 3.17 -0.87
N TYR A 260 -5.37 3.56 -0.81
CA TYR A 260 -4.97 4.95 -0.42
C TYR A 260 -5.14 5.88 -1.64
N LEU A 261 -5.23 5.27 -2.82
CA LEU A 261 -5.48 5.92 -4.13
C LEU A 261 -6.85 6.61 -4.17
N LEU A 262 -7.79 6.21 -3.32
CA LEU A 262 -9.03 7.00 -3.15
C LEU A 262 -8.62 8.45 -2.95
N GLY A 263 -7.54 8.69 -2.18
CA GLY A 263 -7.09 10.04 -1.77
C GLY A 263 -7.90 10.57 -0.60
N ASN A 264 -8.49 9.66 0.19
CA ASN A 264 -9.21 9.92 1.46
C ASN A 264 -9.30 8.59 2.23
N SER A 265 -9.22 8.62 3.56
CA SER A 265 -9.18 7.40 4.41
C SER A 265 -10.57 6.75 4.38
N LEU A 266 -10.64 5.47 4.77
CA LEU A 266 -11.82 4.59 4.58
C LEU A 266 -12.45 4.18 5.92
N ILE A 267 -13.74 4.52 6.13
CA ILE A 267 -14.65 3.86 7.12
C ILE A 267 -15.48 2.78 6.40
N GLY A 268 -14.97 1.55 6.38
CA GLY A 268 -15.62 0.37 5.81
C GLY A 268 -14.69 -0.81 5.98
N GLU A 269 -14.99 -1.92 5.29
CA GLU A 269 -14.28 -3.19 5.43
C GLU A 269 -13.94 -3.62 4.03
N PHE A 270 -12.74 -4.14 3.76
CA PHE A 270 -12.42 -4.78 2.47
C PHE A 270 -12.29 -6.27 2.68
N ARG A 271 -12.76 -7.03 1.72
CA ARG A 271 -12.61 -8.50 1.66
C ARG A 271 -12.02 -8.85 0.31
N GLY A 272 -10.82 -9.37 0.28
CA GLY A 272 -10.23 -9.82 -0.98
C GLY A 272 -10.17 -11.33 -1.01
N PHE A 273 -10.56 -11.94 -2.12
CA PHE A 273 -10.38 -13.39 -2.38
C PHE A 273 -9.49 -13.53 -3.61
N LYS A 274 -8.22 -13.92 -3.44
CA LYS A 274 -7.24 -14.28 -4.51
C LYS A 274 -6.97 -13.04 -5.38
N SER A 275 -7.45 -11.88 -4.93
CA SER A 275 -7.48 -10.61 -5.69
C SER A 275 -6.05 -10.05 -5.90
N GLY A 276 -5.79 -9.29 -6.97
CA GLY A 276 -4.52 -8.56 -7.22
C GLY A 276 -4.71 -7.05 -7.30
N HIS A 277 -3.69 -6.31 -7.72
CA HIS A 277 -3.73 -4.84 -7.95
C HIS A 277 -4.84 -4.50 -8.95
N ALA A 278 -4.94 -5.32 -10.00
CA ALA A 278 -5.84 -5.10 -11.15
C ALA A 278 -7.29 -5.05 -10.64
N LEU A 279 -7.74 -6.12 -9.99
CA LEU A 279 -9.11 -6.22 -9.44
C LEU A 279 -9.32 -5.24 -8.28
N ASN A 280 -8.32 -4.99 -7.44
CA ASN A 280 -8.43 -3.98 -6.36
C ASN A 280 -8.74 -2.64 -6.99
N ASN A 281 -8.06 -2.33 -8.09
CA ASN A 281 -8.19 -1.02 -8.78
C ASN A 281 -9.57 -0.93 -9.45
N GLN A 282 -10.06 -2.03 -10.03
CA GLN A 282 -11.45 -2.14 -10.56
C GLN A 282 -12.42 -1.77 -9.42
N LEU A 283 -12.27 -2.45 -8.28
CA LEU A 283 -13.11 -2.22 -7.09
C LEU A 283 -13.13 -0.72 -6.76
N LEU A 284 -11.95 -0.11 -6.82
CA LEU A 284 -11.80 1.33 -6.52
C LEU A 284 -12.72 2.08 -7.47
N ARG A 285 -12.58 1.84 -8.76
CA ARG A 285 -13.18 2.66 -9.84
C ARG A 285 -14.71 2.56 -9.66
N THR A 286 -15.17 1.32 -9.52
CA THR A 286 -16.60 1.03 -9.39
C THR A 286 -17.17 1.76 -8.17
N LEU A 287 -16.38 1.81 -7.08
CA LEU A 287 -16.84 2.40 -5.81
C LEU A 287 -17.00 3.90 -6.00
N ILE A 288 -15.99 4.53 -6.59
CA ILE A 288 -15.97 5.98 -6.88
C ILE A 288 -17.17 6.31 -7.78
N ALA A 289 -17.45 5.42 -8.75
CA ALA A 289 -18.55 5.57 -9.74
C ALA A 289 -19.94 5.51 -9.07
N ASP A 290 -20.15 4.67 -8.06
CA ASP A 290 -21.48 4.50 -7.43
C ASP A 290 -21.55 5.48 -6.26
N LYS A 291 -21.89 6.74 -6.52
CA LYS A 291 -22.00 7.79 -5.47
C LYS A 291 -23.07 7.35 -4.43
N ASP A 292 -24.02 6.52 -4.85
CA ASP A 292 -25.00 5.89 -3.93
C ASP A 292 -24.27 5.12 -2.82
N ALA A 293 -23.19 4.44 -3.17
CA ALA A 293 -22.53 3.45 -2.30
C ALA A 293 -21.72 4.14 -1.17
N TRP A 294 -21.37 5.43 -1.30
CA TRP A 294 -20.49 6.13 -0.31
C TRP A 294 -20.93 7.57 -0.08
N GLU A 295 -20.29 8.19 0.89
CA GLU A 295 -20.43 9.63 1.24
C GLU A 295 -19.12 10.08 1.89
N VAL A 296 -18.81 11.38 1.79
CA VAL A 296 -17.70 12.00 2.56
C VAL A 296 -18.23 12.47 3.91
N VAL A 297 -17.40 12.29 4.94
CA VAL A 297 -17.69 12.67 6.35
C VAL A 297 -16.39 13.21 6.96
N THR A 298 -16.53 14.24 7.79
CA THR A 298 -15.53 14.70 8.77
C THR A 298 -16.17 14.51 10.15
N PHE A 299 -15.37 14.49 11.20
CA PHE A 299 -15.79 14.27 12.59
C PHE A 299 -15.34 15.45 13.47
N GLU A 300 -16.27 16.24 14.01
CA GLU A 300 -15.98 17.42 14.87
C GLU A 300 -15.61 16.97 16.31
N ASP A 301 -15.46 15.66 16.58
CA ASP A 301 -15.23 15.11 17.95
C ASP A 301 -14.70 13.67 17.89
N ALA A 302 -13.39 13.48 17.88
CA ALA A 302 -12.69 12.19 17.65
C ALA A 302 -13.10 11.12 18.70
N ARG A 303 -13.60 11.55 19.86
CA ARG A 303 -14.01 10.68 20.98
C ARG A 303 -15.28 9.91 20.62
N THR A 304 -15.94 10.28 19.51
CA THR A 304 -17.19 9.64 19.01
C THR A 304 -16.99 8.96 17.63
N ALA A 305 -15.81 9.01 17.02
CA ALA A 305 -15.55 8.57 15.62
C ALA A 305 -15.13 7.10 15.58
N PRO A 306 -15.50 6.34 14.53
CA PRO A 306 -15.44 4.87 14.57
C PRO A 306 -14.04 4.26 14.37
N ILE A 307 -13.18 4.90 13.59
CA ILE A 307 -11.72 4.61 13.55
C ILE A 307 -11.02 5.69 14.39
N SER A 308 -9.78 5.48 14.84
CA SER A 308 -9.01 6.43 15.68
C SER A 308 -7.51 6.34 15.35
N TYR A 309 -6.66 7.19 15.96
CA TYR A 309 -5.26 7.46 15.54
C TYR A 309 -4.25 7.24 16.69
N MET A 310 -2.97 7.06 16.34
CA MET A 310 -1.79 7.01 17.27
C MET A 310 -1.33 8.46 17.55
N ARG A 311 -0.59 8.71 18.64
CA ARG A 311 -0.03 10.06 19.00
C ARG A 311 0.88 10.53 17.86
N PRO A 312 0.89 11.83 17.50
CA PRO A 312 1.84 12.33 16.50
C PRO A 312 3.32 12.22 16.95
ZN ZN B . 3.66 -6.22 -2.04
C7 7TF C . 8.76 -11.40 -8.00
C8 7TF C . 12.02 -11.72 -6.51
C9 7TF C . 13.16 -12.07 -6.49
C6 7TF C . 10.11 -11.72 -7.83
C1 7TF C . 6.56 -10.45 -7.21
C2 7TF C . 8.03 -10.77 -7.00
C3 7TF C . 8.68 -10.47 -5.80
C4 7TF C . 10.03 -10.79 -5.63
C5 7TF C . 10.77 -11.41 -6.64
C10 7TF C . 14.35 -12.58 -6.57
C13 7TF C . 16.89 -13.72 -6.78
C14 7TF C . 16.32 -13.07 -7.86
C15 7TF C . 15.07 -12.49 -7.76
C16 7TF C . 18.26 -14.34 -6.93
C12 7TF C . 16.18 -13.82 -5.59
C11 7TF C . 14.91 -13.25 -5.48
N16 7TF C . 5.74 -11.19 -6.27
C17 7TF C . 4.41 -11.16 -6.26
O18 7TF C . 3.75 -10.49 -7.04
C19 7TF C . 3.75 -12.00 -5.18
N20 7TF C . 2.33 -12.30 -5.37
C21 7TF C . 1.47 -11.44 -4.56
C22 7TF C . 2.42 -10.49 -3.85
C23 7TF C . 3.75 -11.23 -3.88
N24 7TF C . 2.50 -9.22 -4.57
C25 7TF C . 3.25 -8.20 -4.15
O26 7TF C . 3.97 -8.25 -3.15
C27 7TF C . 3.16 -6.91 -4.91
N28 7TF C . 3.99 -5.89 -4.23
C29 7TF C . 5.29 -5.80 -4.92
C30 7TF C . 5.21 -6.70 -6.15
C31 7TF C . 3.74 -7.04 -6.30
F32 7TF C . 5.91 -7.85 -5.95
C33 7TF C . 1.92 -13.27 -6.19
O34 7TF C . 0.74 -13.60 -6.29
C35 7TF C . 2.92 -13.97 -7.04
C36 7TF C . 2.59 -15.40 -7.45
C37 7TF C . 2.43 -14.26 -8.45
N18 7TF C . 19.10 -14.09 -5.77
C20 7TF C . 19.74 -12.78 -5.99
C24 7TF C . 20.93 -12.57 -5.06
O36 7TF C . 21.84 -13.65 -5.22
C28 7TF C . 21.24 -14.89 -4.82
C32 7TF C . 20.06 -15.20 -5.72
#